data_5FE1
#
_entry.id   5FE1
#
_cell.length_a   99.670
_cell.length_b   99.670
_cell.length_c   100.400
_cell.angle_alpha   90.00
_cell.angle_beta   90.00
_cell.angle_gamma   120.00
#
_symmetry.space_group_name_H-M   'H 3'
#
loop_
_entity.id
_entity.type
_entity.pdbx_description
1 polymer 'Histone acetyltransferase KAT2B'
2 non-polymer 1-METHYLQUINOLIN-2(1H)-ONE
3 non-polymer 1,2-ETHANEDIOL
4 water water
#
_entity_poly.entity_id   1
_entity_poly.type   'polypeptide(L)'
_entity_poly.pdbx_seq_one_letter_code
;SMGKEKSKEPRDPDQLYSTLKSILQQVKSHQSAWPFMEPVKRTEAPGYYEVIRFPMDLKTMSERLKNRYYVSKKLFMADL
QRVFTNCKEYNPPESEYYKCANILEKFFFSKIKEAGLID
;
_entity_poly.pdbx_strand_id   A,B
#
loop_
_chem_comp.id
_chem_comp.type
_chem_comp.name
_chem_comp.formula
12Q non-polymer 1-METHYLQUINOLIN-2(1H)-ONE 'C10 H9 N O'
EDO non-polymer 1,2-ETHANEDIOL 'C2 H6 O2'
#
# COMPACT_ATOMS: atom_id res chain seq x y z
N ASP A 12 0.62 20.51 -20.40
CA ASP A 12 1.00 20.33 -18.96
C ASP A 12 -0.05 19.51 -18.16
N PRO A 13 -1.33 19.99 -18.09
CA PRO A 13 -2.43 19.06 -17.68
C PRO A 13 -2.61 17.86 -18.64
N ASP A 14 -2.42 18.11 -19.94
CA ASP A 14 -2.54 17.08 -20.97
C ASP A 14 -1.42 16.07 -20.97
N GLN A 15 -0.23 16.46 -20.55
CA GLN A 15 0.88 15.53 -20.51
C GLN A 15 0.65 14.51 -19.39
N LEU A 16 0.29 15.00 -18.21
CA LEU A 16 -0.05 14.13 -17.06
C LEU A 16 -1.17 13.16 -17.45
N TYR A 17 -2.22 13.69 -18.07
CA TYR A 17 -3.32 12.89 -18.55
C TYR A 17 -2.85 11.75 -19.45
N SER A 18 -2.02 12.09 -20.45
CA SER A 18 -1.50 11.10 -21.40
C SER A 18 -0.74 10.01 -20.72
N THR A 19 0.18 10.42 -19.86
CA THR A 19 1.01 9.50 -19.08
C THR A 19 0.16 8.57 -18.19
N LEU A 20 -0.78 9.13 -17.45
CA LEU A 20 -1.68 8.35 -16.59
C LEU A 20 -2.54 7.36 -17.38
N LYS A 21 -3.09 7.81 -18.49
CA LYS A 21 -3.90 6.96 -19.36
C LYS A 21 -3.11 5.79 -19.88
N SER A 22 -1.89 6.07 -20.33
CA SER A 22 -0.97 5.04 -20.79
C SER A 22 -0.67 4.06 -19.64
N ILE A 23 -0.32 4.58 -18.48
CA ILE A 23 -0.01 3.71 -17.36
C ILE A 23 -1.22 2.87 -16.98
N LEU A 24 -2.38 3.51 -16.86
CA LEU A 24 -3.60 2.82 -16.47
C LEU A 24 -3.98 1.74 -17.47
N GLN A 25 -3.84 2.03 -18.75
CA GLN A 25 -4.16 1.06 -19.79
CA GLN A 25 -4.16 1.03 -19.78
C GLN A 25 -3.21 -0.17 -19.72
N GLN A 26 -1.94 0.07 -19.49
CA GLN A 26 -0.99 -1.00 -19.35
C GLN A 26 -1.28 -1.90 -18.13
N VAL A 27 -1.66 -1.27 -17.03
CA VAL A 27 -2.06 -2.01 -15.83
C VAL A 27 -3.27 -2.90 -16.11
N LYS A 28 -4.28 -2.35 -16.78
CA LYS A 28 -5.45 -3.11 -17.17
C LYS A 28 -5.21 -4.27 -18.09
N SER A 29 -4.25 -4.13 -19.01
CA SER A 29 -3.90 -5.18 -19.97
C SER A 29 -3.07 -6.31 -19.37
N HIS A 30 -2.53 -6.08 -18.19
CA HIS A 30 -1.65 -7.03 -17.53
C HIS A 30 -2.45 -8.30 -17.12
N GLN A 31 -1.80 -9.46 -17.23
CA GLN A 31 -2.42 -10.74 -16.98
C GLN A 31 -2.86 -11.00 -15.50
N SER A 32 -2.31 -10.26 -14.54
CA SER A 32 -2.69 -10.28 -13.13
C SER A 32 -3.72 -9.19 -12.73
N ALA A 33 -4.24 -8.41 -13.68
CA ALA A 33 -5.22 -7.36 -13.39
C ALA A 33 -6.63 -7.84 -13.31
N TRP A 34 -6.90 -9.06 -13.76
CA TRP A 34 -8.30 -9.53 -13.90
C TRP A 34 -9.15 -9.41 -12.63
N PRO A 35 -8.59 -9.61 -11.44
CA PRO A 35 -9.46 -9.47 -10.27
C PRO A 35 -9.93 -8.03 -10.00
N PHE A 36 -9.27 -7.03 -10.60
CA PHE A 36 -9.44 -5.63 -10.20
C PHE A 36 -10.08 -4.80 -11.28
N MET A 37 -10.60 -5.47 -12.29
CA MET A 37 -11.12 -4.79 -13.44
C MET A 37 -12.40 -4.04 -13.14
N GLU A 38 -13.20 -4.55 -12.24
CA GLU A 38 -14.51 -3.96 -12.02
C GLU A 38 -14.81 -4.00 -10.57
N PRO A 39 -15.82 -3.23 -10.12
CA PRO A 39 -16.28 -3.38 -8.76
C PRO A 39 -16.56 -4.84 -8.42
N VAL A 40 -16.03 -5.24 -7.29
CA VAL A 40 -16.28 -6.57 -6.74
C VAL A 40 -17.80 -6.77 -6.64
N LYS A 41 -18.27 -7.94 -7.08
CA LYS A 41 -19.67 -8.28 -7.04
C LYS A 41 -20.01 -8.95 -5.68
N ARG A 42 -21.13 -8.55 -5.08
CA ARG A 42 -21.62 -9.12 -3.80
CA ARG A 42 -21.62 -9.12 -3.80
C ARG A 42 -21.83 -10.64 -3.90
N THR A 43 -22.30 -11.11 -5.05
CA THR A 43 -22.46 -12.56 -5.21
C THR A 43 -21.13 -13.31 -5.17
N GLU A 44 -20.05 -12.62 -5.53
CA GLU A 44 -18.70 -13.19 -5.53
C GLU A 44 -17.94 -13.06 -4.19
N ALA A 45 -18.38 -12.17 -3.30
N ALA A 45 -18.42 -12.17 -3.33
CA ALA A 45 -17.58 -11.86 -2.08
CA ALA A 45 -17.78 -11.82 -2.10
C ALA A 45 -18.29 -11.57 -0.77
C ALA A 45 -18.89 -11.29 -1.14
N PRO A 46 -18.23 -12.56 0.17
N PRO A 46 -19.94 -12.08 -0.82
CA PRO A 46 -19.02 -12.52 1.39
CA PRO A 46 -21.06 -11.55 -0.01
C PRO A 46 -18.81 -11.26 2.18
C PRO A 46 -20.77 -10.63 1.21
N GLY A 47 -19.89 -10.49 2.28
N GLY A 47 -19.67 -10.81 1.94
CA GLY A 47 -19.88 -9.28 3.10
CA GLY A 47 -19.32 -9.90 3.11
C GLY A 47 -18.66 -8.40 2.82
C GLY A 47 -18.51 -8.60 2.83
N TYR A 48 -18.26 -8.33 1.55
CA TYR A 48 -17.16 -7.45 1.14
C TYR A 48 -17.40 -6.00 1.46
N TYR A 49 -18.58 -5.51 1.11
CA TYR A 49 -18.88 -4.08 1.31
C TYR A 49 -19.18 -3.70 2.75
N GLU A 50 -19.35 -4.69 3.63
CA GLU A 50 -19.42 -4.47 5.09
C GLU A 50 -17.99 -4.32 5.68
N VAL A 51 -17.03 -5.04 5.10
CA VAL A 51 -15.60 -4.98 5.51
C VAL A 51 -14.80 -3.82 4.87
N ILE A 52 -14.98 -3.60 3.57
CA ILE A 52 -14.19 -2.61 2.81
C ILE A 52 -14.95 -1.30 2.59
N ARG A 53 -14.47 -0.24 3.23
CA ARG A 53 -15.18 1.03 3.27
C ARG A 53 -14.86 1.98 2.10
N PHE A 54 -13.68 1.85 1.49
CA PHE A 54 -13.27 2.66 0.35
C PHE A 54 -12.96 1.74 -0.83
N PRO A 55 -13.99 1.10 -1.42
CA PRO A 55 -13.72 0.23 -2.58
C PRO A 55 -13.16 0.99 -3.78
N MET A 56 -12.32 0.31 -4.56
CA MET A 56 -11.73 0.88 -5.76
C MET A 56 -11.42 -0.23 -6.77
N ASP A 57 -11.49 0.08 -8.04
CA ASP A 57 -11.21 -0.89 -9.11
C ASP A 57 -10.78 -0.10 -10.33
N LEU A 58 -10.31 -0.82 -11.33
CA LEU A 58 -9.71 -0.18 -12.50
C LEU A 58 -10.75 0.46 -13.41
N LYS A 59 -11.95 -0.12 -13.48
CA LYS A 59 -13.04 0.52 -14.21
C LYS A 59 -13.38 1.91 -13.63
N THR A 60 -13.57 1.95 -12.32
CA THR A 60 -13.78 3.22 -11.65
C THR A 60 -12.62 4.19 -11.88
N MET A 61 -11.39 3.69 -11.84
CA MET A 61 -10.22 4.53 -12.11
C MET A 61 -10.22 5.11 -13.52
N SER A 62 -10.62 4.29 -14.51
CA SER A 62 -10.80 4.77 -15.91
C SER A 62 -11.81 5.90 -16.06
N GLU A 63 -12.93 5.81 -15.37
CA GLU A 63 -13.92 6.89 -15.39
C GLU A 63 -13.40 8.17 -14.77
N ARG A 64 -12.76 8.04 -13.60
CA ARG A 64 -12.18 9.16 -12.90
C ARG A 64 -11.17 9.85 -13.73
N LEU A 65 -10.35 9.06 -14.41
CA LEU A 65 -9.40 9.59 -15.38
C LEU A 65 -10.14 10.35 -16.49
N LYS A 66 -11.12 9.70 -17.11
CA LYS A 66 -11.95 10.37 -18.15
C LYS A 66 -12.61 11.65 -17.64
N ASN A 67 -13.08 11.62 -16.39
CA ASN A 67 -13.70 12.79 -15.74
C ASN A 67 -12.71 13.83 -15.21
N ARG A 68 -11.44 13.72 -15.58
CA ARG A 68 -10.40 14.68 -15.21
C ARG A 68 -10.18 14.84 -13.70
N TYR A 69 -10.39 13.74 -12.99
CA TYR A 69 -10.19 13.72 -11.56
C TYR A 69 -8.71 13.71 -11.20
N TYR A 70 -7.89 13.03 -11.99
CA TYR A 70 -6.48 12.85 -11.63
C TYR A 70 -5.61 14.07 -12.00
N VAL A 71 -5.76 15.15 -11.23
CA VAL A 71 -4.95 16.38 -11.43
C VAL A 71 -3.52 16.33 -10.86
N SER A 72 -3.20 15.31 -10.06
CA SER A 72 -1.85 15.11 -9.54
C SER A 72 -1.51 13.64 -9.54
N LYS A 73 -0.22 13.36 -9.44
CA LYS A 73 0.33 12.01 -9.31
C LYS A 73 -0.23 11.35 -8.05
N LYS A 74 -0.20 12.10 -6.96
CA LYS A 74 -0.66 11.67 -5.63
C LYS A 74 -2.09 11.07 -5.64
N LEU A 75 -3.04 11.69 -6.34
CA LEU A 75 -4.42 11.20 -6.38
C LEU A 75 -4.53 9.85 -7.10
N PHE A 76 -3.81 9.74 -8.22
CA PHE A 76 -3.75 8.53 -9.00
C PHE A 76 -3.14 7.40 -8.18
N MET A 77 -2.02 7.64 -7.55
CA MET A 77 -1.37 6.62 -6.73
C MET A 77 -2.25 6.14 -5.59
N ALA A 78 -2.98 7.06 -4.98
CA ALA A 78 -3.81 6.71 -3.84
C ALA A 78 -4.92 5.71 -4.23
N ASP A 79 -5.52 5.93 -5.40
CA ASP A 79 -6.57 5.07 -5.90
C ASP A 79 -6.05 3.68 -6.26
N LEU A 80 -4.96 3.64 -6.98
CA LEU A 80 -4.38 2.36 -7.35
C LEU A 80 -3.82 1.63 -6.15
N GLN A 81 -3.16 2.36 -5.27
CA GLN A 81 -2.71 1.73 -4.05
C GLN A 81 -3.86 1.16 -3.22
N ARG A 82 -4.98 1.85 -3.19
CA ARG A 82 -6.18 1.37 -2.50
C ARG A 82 -6.73 0.07 -3.06
N VAL A 83 -6.59 -0.11 -4.38
CA VAL A 83 -6.98 -1.38 -5.01
C VAL A 83 -6.18 -2.50 -4.31
N PHE A 84 -4.87 -2.28 -4.11
CA PHE A 84 -3.99 -3.31 -3.52
C PHE A 84 -4.21 -3.51 -2.03
N THR A 85 -4.39 -2.44 -1.28
CA THR A 85 -4.55 -2.56 0.16
C THR A 85 -5.93 -3.15 0.51
N ASN A 86 -6.98 -2.81 -0.22
CA ASN A 86 -8.30 -3.48 -0.05
C ASN A 86 -8.20 -4.99 -0.22
N CYS A 87 -7.54 -5.42 -1.28
CA CYS A 87 -7.35 -6.79 -1.58
C CYS A 87 -6.56 -7.50 -0.47
N LYS A 88 -5.50 -6.87 0.00
CA LYS A 88 -4.71 -7.46 1.06
C LYS A 88 -5.40 -7.47 2.45
N GLU A 89 -6.27 -6.51 2.70
CA GLU A 89 -7.14 -6.51 3.88
C GLU A 89 -8.16 -7.60 3.85
N TYR A 90 -8.78 -7.80 2.69
CA TYR A 90 -9.87 -8.75 2.57
C TYR A 90 -9.40 -10.19 2.52
N ASN A 91 -8.31 -10.45 1.80
CA ASN A 91 -7.92 -11.80 1.42
C ASN A 91 -6.73 -12.38 2.14
N PRO A 92 -6.76 -13.72 2.36
CA PRO A 92 -5.58 -14.44 2.86
C PRO A 92 -4.33 -14.20 2.01
N PRO A 93 -3.13 -14.18 2.66
CA PRO A 93 -1.85 -13.89 2.00
C PRO A 93 -1.42 -14.81 0.85
N GLU A 94 -1.93 -16.04 0.81
CA GLU A 94 -1.57 -16.98 -0.23
C GLU A 94 -2.75 -17.24 -1.18
N SER A 95 -3.82 -16.47 -1.03
CA SER A 95 -4.87 -16.42 -2.05
C SER A 95 -4.33 -15.92 -3.38
N GLU A 96 -4.95 -16.37 -4.45
CA GLU A 96 -4.60 -15.95 -5.80
C GLU A 96 -4.76 -14.43 -5.95
N TYR A 97 -5.81 -13.88 -5.34
CA TYR A 97 -6.10 -12.46 -5.39
C TYR A 97 -4.98 -11.63 -4.75
N TYR A 98 -4.49 -12.05 -3.57
CA TYR A 98 -3.37 -11.39 -2.92
C TYR A 98 -2.12 -11.49 -3.82
N LYS A 99 -1.84 -12.67 -4.38
CA LYS A 99 -0.71 -12.84 -5.28
C LYS A 99 -0.76 -11.91 -6.51
N CYS A 100 -1.93 -11.82 -7.16
CA CYS A 100 -2.10 -10.90 -8.27
C CYS A 100 -1.83 -9.44 -7.87
N ALA A 101 -2.33 -9.02 -6.71
CA ALA A 101 -2.12 -7.65 -6.26
C ALA A 101 -0.64 -7.28 -6.17
N ASN A 102 0.17 -8.17 -5.61
CA ASN A 102 1.60 -7.91 -5.48
C ASN A 102 2.34 -7.97 -6.81
N ILE A 103 1.95 -8.89 -7.67
CA ILE A 103 2.50 -8.94 -9.04
C ILE A 103 2.18 -7.65 -9.79
N LEU A 104 0.93 -7.25 -9.71
CA LEU A 104 0.51 -6.07 -10.40
C LEU A 104 1.07 -4.81 -9.81
N GLU A 105 1.24 -4.80 -8.49
CA GLU A 105 1.87 -3.68 -7.82
C GLU A 105 3.32 -3.50 -8.28
N LYS A 106 4.06 -4.59 -8.40
CA LYS A 106 5.42 -4.49 -8.94
C LYS A 106 5.38 -3.86 -10.33
N PHE A 107 4.49 -4.38 -11.16
CA PHE A 107 4.38 -3.89 -12.52
C PHE A 107 4.06 -2.40 -12.52
N PHE A 108 3.05 -2.03 -11.74
CA PHE A 108 2.65 -0.64 -11.53
C PHE A 108 3.83 0.28 -11.21
N PHE A 109 4.58 -0.05 -10.16
CA PHE A 109 5.71 0.79 -9.76
C PHE A 109 6.78 0.87 -10.86
N SER A 110 6.99 -0.22 -11.60
CA SER A 110 7.90 -0.20 -12.76
CA SER A 110 7.88 -0.20 -12.77
C SER A 110 7.43 0.83 -13.77
N LYS A 111 6.15 0.86 -14.06
CA LYS A 111 5.63 1.80 -15.04
C LYS A 111 5.70 3.28 -14.59
N ILE A 112 5.44 3.56 -13.33
CA ILE A 112 5.60 4.91 -12.75
C ILE A 112 7.05 5.43 -12.86
N LYS A 113 8.00 4.56 -12.53
CA LYS A 113 9.42 4.87 -12.63
C LYS A 113 9.89 5.07 -14.09
N GLU A 114 9.46 4.21 -14.99
CA GLU A 114 9.72 4.35 -16.43
C GLU A 114 9.23 5.67 -17.01
N ALA A 115 8.11 6.14 -16.51
CA ALA A 115 7.54 7.42 -16.94
C ALA A 115 8.20 8.66 -16.31
N GLY A 116 9.08 8.46 -15.32
CA GLY A 116 9.65 9.58 -14.56
C GLY A 116 8.64 10.41 -13.79
N LEU A 117 7.50 9.83 -13.46
CA LEU A 117 6.43 10.60 -12.86
C LEU A 117 6.64 10.97 -11.38
N ILE A 118 6.49 12.29 -11.10
CA ILE A 118 6.71 12.92 -9.80
C ILE A 118 5.63 14.01 -9.64
N ASP A 119 5.49 14.62 -8.46
CA ASP A 119 4.41 15.61 -8.21
C ASP A 119 4.75 17.03 -8.73
N ARG B 11 -8.49 1.72 30.58
CA ARG B 11 -7.97 0.64 29.68
C ARG B 11 -8.19 0.91 28.18
N ASP B 12 -9.21 1.70 27.80
CA ASP B 12 -9.61 1.87 26.37
C ASP B 12 -8.51 2.51 25.43
N PRO B 13 -8.00 3.72 25.78
CA PRO B 13 -6.74 4.20 25.15
C PRO B 13 -5.54 3.27 25.42
N ASP B 14 -5.48 2.71 26.63
CA ASP B 14 -4.38 1.82 26.99
C ASP B 14 -4.44 0.43 26.39
N GLN B 15 -5.64 -0.06 26.02
CA GLN B 15 -5.75 -1.36 25.35
CA GLN B 15 -5.74 -1.36 25.36
C GLN B 15 -5.19 -1.24 23.95
N LEU B 16 -5.60 -0.19 23.25
CA LEU B 16 -5.08 0.09 21.91
C LEU B 16 -3.55 0.25 21.93
N TYR B 17 -3.06 1.05 22.88
CA TYR B 17 -1.63 1.23 23.08
C TYR B 17 -0.91 -0.12 23.25
N SER B 18 -1.43 -0.98 24.11
CA SER B 18 -0.83 -2.31 24.36
C SER B 18 -0.75 -3.15 23.10
N THR B 19 -1.88 -3.24 22.41
CA THR B 19 -2.02 -3.98 21.16
C THR B 19 -1.03 -3.46 20.10
N LEU B 20 -0.98 -2.14 19.93
CA LEU B 20 -0.07 -1.51 18.96
C LEU B 20 1.39 -1.74 19.28
N LYS B 21 1.74 -1.59 20.56
CA LYS B 21 3.10 -1.81 21.01
C LYS B 21 3.54 -3.26 20.76
N SER B 22 2.65 -4.20 21.07
CA SER B 22 2.87 -5.61 20.81
C SER B 22 3.06 -5.85 19.32
N ILE B 23 2.15 -5.33 18.51
CA ILE B 23 2.27 -5.49 17.06
C ILE B 23 3.57 -4.88 16.55
N LEU B 24 3.85 -3.63 16.93
CA LEU B 24 5.06 -2.93 16.49
C LEU B 24 6.34 -3.67 16.92
N GLN B 25 6.36 -4.20 18.14
CA GLN B 25 7.53 -4.94 18.60
C GLN B 25 7.76 -6.22 17.81
N GLN B 26 6.68 -6.94 17.52
CA GLN B 26 6.77 -8.14 16.71
C GLN B 26 7.28 -7.83 15.30
N VAL B 27 6.84 -6.72 14.74
CA VAL B 27 7.31 -6.31 13.41
C VAL B 27 8.81 -6.00 13.44
N LYS B 28 9.24 -5.27 14.47
CA LYS B 28 10.65 -4.88 14.62
C LYS B 28 11.56 -6.06 14.86
N SER B 29 11.06 -7.09 15.55
CA SER B 29 11.82 -8.35 15.78
C SER B 29 11.89 -9.32 14.60
N HIS B 30 11.07 -9.07 13.59
CA HIS B 30 10.99 -9.92 12.43
C HIS B 30 12.31 -9.81 11.64
N GLN B 31 12.75 -10.93 11.10
CA GLN B 31 14.03 -11.00 10.38
C GLN B 31 14.10 -10.16 9.08
N SER B 32 12.96 -9.80 8.50
CA SER B 32 12.85 -8.96 7.33
C SER B 32 12.64 -7.45 7.63
N ALA B 33 12.68 -7.06 8.90
CA ALA B 33 12.51 -5.66 9.31
C ALA B 33 13.75 -4.80 9.19
N TRP B 34 14.93 -5.39 9.00
CA TRP B 34 16.21 -4.66 9.13
C TRP B 34 16.35 -3.47 8.21
N PRO B 35 15.76 -3.52 6.99
CA PRO B 35 15.87 -2.31 6.16
C PRO B 35 15.07 -1.09 6.64
N PHE B 36 14.13 -1.29 7.55
CA PHE B 36 13.14 -0.27 7.89
C PHE B 36 13.33 0.24 9.30
N MET B 37 14.43 -0.14 9.93
CA MET B 37 14.65 0.16 11.32
C MET B 37 14.98 1.62 11.53
N GLU B 38 15.50 2.32 10.53
CA GLU B 38 15.82 3.71 10.66
C GLU B 38 15.51 4.53 9.44
N PRO B 39 15.45 5.86 9.61
CA PRO B 39 15.27 6.72 8.44
C PRO B 39 16.29 6.44 7.34
N VAL B 40 15.79 6.38 6.11
CA VAL B 40 16.63 6.31 4.91
C VAL B 40 17.56 7.54 4.87
N LYS B 41 18.83 7.33 4.59
CA LYS B 41 19.80 8.44 4.48
C LYS B 41 19.89 8.94 3.04
N ARG B 42 19.91 10.26 2.86
CA ARG B 42 20.11 10.90 1.55
C ARG B 42 21.43 10.48 0.90
N THR B 43 22.48 10.36 1.74
CA THR B 43 23.80 9.82 1.39
CA THR B 43 23.78 9.89 1.29
C THR B 43 23.69 8.55 0.59
N GLU B 44 22.77 7.72 1.03
CA GLU B 44 22.70 6.36 0.63
C GLU B 44 21.56 6.05 -0.29
N ALA B 45 20.74 7.04 -0.65
CA ALA B 45 19.62 6.81 -1.56
C ALA B 45 19.35 8.01 -2.49
N PRO B 46 20.09 8.08 -3.61
CA PRO B 46 19.95 9.12 -4.66
C PRO B 46 18.48 9.41 -5.09
N GLY B 47 18.05 10.66 -4.94
CA GLY B 47 16.69 11.06 -5.32
C GLY B 47 15.54 10.55 -4.48
N TYR B 48 15.82 9.93 -3.33
CA TYR B 48 14.77 9.40 -2.45
C TYR B 48 13.80 10.47 -1.94
N TYR B 49 14.34 11.55 -1.37
CA TYR B 49 13.50 12.59 -0.77
C TYR B 49 12.86 13.52 -1.80
N GLU B 50 13.29 13.41 -3.06
CA GLU B 50 12.60 14.11 -4.16
C GLU B 50 11.33 13.34 -4.51
N VAL B 51 11.41 12.00 -4.52
CA VAL B 51 10.28 11.16 -4.93
C VAL B 51 9.35 10.77 -3.75
N ILE B 52 9.93 10.49 -2.57
CA ILE B 52 9.15 9.99 -1.46
C ILE B 52 8.82 11.16 -0.53
N ARG B 53 7.57 11.58 -0.57
CA ARG B 53 7.14 12.81 0.09
C ARG B 53 6.85 12.61 1.60
N PHE B 54 6.48 11.40 2.00
CA PHE B 54 6.22 11.10 3.41
C PHE B 54 7.01 9.87 3.87
N PRO B 55 8.31 10.07 4.09
CA PRO B 55 9.15 8.98 4.55
C PRO B 55 8.72 8.45 5.92
N MET B 56 8.94 7.16 6.16
CA MET B 56 8.57 6.53 7.46
C MET B 56 9.48 5.33 7.75
N ASP B 57 9.70 5.05 9.04
CA ASP B 57 10.53 3.93 9.47
C ASP B 57 10.07 3.50 10.86
N LEU B 58 10.63 2.40 11.33
CA LEU B 58 10.13 1.78 12.55
C LEU B 58 10.60 2.49 13.82
N LYS B 59 11.79 3.10 13.75
CA LYS B 59 12.28 3.92 14.82
C LYS B 59 11.35 5.14 15.04
N THR B 60 11.04 5.84 13.98
CA THR B 60 10.08 6.94 14.03
C THR B 60 8.70 6.47 14.53
N MET B 61 8.26 5.31 14.10
CA MET B 61 7.00 4.78 14.59
C MET B 61 7.01 4.52 16.08
N SER B 62 8.13 3.97 16.59
CA SER B 62 8.29 3.73 18.01
C SER B 62 8.19 5.02 18.82
N GLU B 63 8.80 6.09 18.32
CA GLU B 63 8.73 7.39 18.98
C GLU B 63 7.28 7.92 19.01
N ARG B 64 6.60 7.86 17.86
CA ARG B 64 5.21 8.28 17.74
C ARG B 64 4.32 7.51 18.66
N LEU B 65 4.53 6.20 18.76
CA LEU B 65 3.80 5.38 19.68
C LEU B 65 4.07 5.85 21.13
N LYS B 66 5.36 5.99 21.49
CA LYS B 66 5.76 6.45 22.85
C LYS B 66 5.17 7.83 23.14
N ASN B 67 5.14 8.69 22.12
CA ASN B 67 4.52 10.04 22.22
C ASN B 67 2.98 10.09 22.15
N ARG B 68 2.30 8.93 22.21
CA ARG B 68 0.84 8.82 22.21
C ARG B 68 0.18 9.42 20.96
N TYR B 69 0.89 9.32 19.84
CA TYR B 69 0.37 9.80 18.56
C TYR B 69 -0.69 8.86 18.03
N TYR B 70 -0.52 7.55 18.23
CA TYR B 70 -1.45 6.55 17.65
C TYR B 70 -2.76 6.39 18.44
N VAL B 71 -3.63 7.40 18.34
CA VAL B 71 -4.95 7.38 19.00
C VAL B 71 -6.02 6.53 18.29
N SER B 72 -5.75 6.10 17.05
CA SER B 72 -6.65 5.22 16.29
C SER B 72 -5.85 4.18 15.57
N LYS B 73 -6.55 3.11 15.19
CA LYS B 73 -6.01 2.03 14.37
C LYS B 73 -5.52 2.59 13.04
N LYS B 74 -6.36 3.46 12.46
CA LYS B 74 -6.13 4.08 11.16
C LYS B 74 -4.77 4.76 11.05
N LEU B 75 -4.40 5.54 12.06
CA LEU B 75 -3.14 6.29 12.02
C LEU B 75 -1.93 5.36 12.00
N PHE B 76 -1.99 4.34 12.84
CA PHE B 76 -0.97 3.32 12.92
C PHE B 76 -0.81 2.55 11.61
N MET B 77 -1.92 2.06 11.05
CA MET B 77 -1.90 1.30 9.80
C MET B 77 -1.37 2.14 8.65
N ALA B 78 -1.70 3.43 8.64
CA ALA B 78 -1.21 4.30 7.59
C ALA B 78 0.32 4.44 7.60
N ASP B 79 0.90 4.59 8.79
CA ASP B 79 2.36 4.78 8.91
C ASP B 79 3.08 3.51 8.49
N LEU B 80 2.62 2.37 8.99
CA LEU B 80 3.28 1.12 8.68
C LEU B 80 3.10 0.73 7.23
N GLN B 81 1.90 0.95 6.71
CA GLN B 81 1.70 0.71 5.31
C GLN B 81 2.64 1.56 4.49
N ARG B 82 2.81 2.81 4.89
CA ARG B 82 3.69 3.71 4.19
C ARG B 82 5.15 3.27 4.18
N VAL B 83 5.60 2.60 5.23
CA VAL B 83 6.96 2.04 5.23
C VAL B 83 7.14 1.09 4.03
N PHE B 84 6.12 0.26 3.80
CA PHE B 84 6.16 -0.69 2.67
C PHE B 84 5.99 -0.07 1.32
N THR B 85 5.02 0.83 1.17
CA THR B 85 4.74 1.36 -0.15
C THR B 85 5.89 2.26 -0.59
N ASN B 86 6.47 3.02 0.35
CA ASN B 86 7.63 3.86 0.03
C ASN B 86 8.77 3.03 -0.54
N CYS B 87 9.04 1.93 0.14
CA CYS B 87 10.12 1.01 -0.27
C CYS B 87 9.84 0.40 -1.67
N LYS B 88 8.60 0.04 -1.90
CA LYS B 88 8.23 -0.58 -3.17
C LYS B 88 8.23 0.39 -4.32
N GLU B 89 7.88 1.66 -4.06
CA GLU B 89 8.01 2.68 -5.09
C GLU B 89 9.47 2.95 -5.45
N TYR B 90 10.32 3.07 -4.43
CA TYR B 90 11.69 3.48 -4.65
C TYR B 90 12.57 2.39 -5.24
N ASN B 91 12.46 1.16 -4.76
CA ASN B 91 13.43 0.11 -5.07
C ASN B 91 13.00 -0.84 -6.19
N PRO B 92 14.00 -1.44 -6.91
CA PRO B 92 13.71 -2.42 -7.94
C PRO B 92 12.94 -3.60 -7.36
N PRO B 93 12.01 -4.20 -8.15
CA PRO B 93 11.09 -5.20 -7.65
C PRO B 93 11.73 -6.50 -7.14
N GLU B 94 12.96 -6.79 -7.58
CA GLU B 94 13.65 -7.99 -7.13
C GLU B 94 14.79 -7.65 -6.20
N SER B 95 14.89 -6.36 -5.81
CA SER B 95 15.80 -5.99 -4.75
CA SER B 95 15.75 -5.93 -4.70
C SER B 95 15.43 -6.73 -3.46
N GLU B 96 16.45 -6.93 -2.62
CA GLU B 96 16.26 -7.51 -1.28
C GLU B 96 15.33 -6.65 -0.43
N TYR B 97 15.44 -5.32 -0.56
CA TYR B 97 14.56 -4.40 0.15
C TYR B 97 13.09 -4.59 -0.21
N TYR B 98 12.79 -4.72 -1.52
CA TYR B 98 11.43 -4.94 -1.99
C TYR B 98 10.91 -6.28 -1.48
N LYS B 99 11.72 -7.32 -1.57
CA LYS B 99 11.36 -8.63 -1.02
C LYS B 99 11.02 -8.58 0.49
N CYS B 100 11.87 -7.91 1.28
CA CYS B 100 11.62 -7.76 2.72
C CYS B 100 10.30 -7.02 2.99
N ALA B 101 10.03 -5.95 2.23
CA ALA B 101 8.80 -5.21 2.39
C ALA B 101 7.55 -6.06 2.25
N ASN B 102 7.53 -6.92 1.24
CA ASN B 102 6.37 -7.76 0.99
C ASN B 102 6.24 -8.91 1.98
N ILE B 103 7.38 -9.47 2.41
CA ILE B 103 7.38 -10.44 3.48
C ILE B 103 6.83 -9.78 4.76
N LEU B 104 7.34 -8.61 5.09
CA LEU B 104 6.98 -7.97 6.34
C LEU B 104 5.57 -7.39 6.30
N GLU B 105 5.14 -6.95 5.12
CA GLU B 105 3.75 -6.58 4.88
C GLU B 105 2.78 -7.75 5.09
N LYS B 106 3.09 -8.95 4.58
CA LYS B 106 2.26 -10.13 4.86
C LYS B 106 2.18 -10.38 6.36
N PHE B 107 3.32 -10.32 7.02
CA PHE B 107 3.35 -10.47 8.45
C PHE B 107 2.49 -9.41 9.12
N PHE B 108 2.70 -8.14 8.79
CA PHE B 108 1.87 -7.02 9.30
C PHE B 108 0.35 -7.27 9.19
N PHE B 109 -0.13 -7.59 7.98
CA PHE B 109 -1.58 -7.82 7.75
C PHE B 109 -2.09 -9.01 8.58
N SER B 110 -1.26 -10.04 8.72
CA SER B 110 -1.57 -11.18 9.57
C SER B 110 -1.77 -10.77 11.03
N LYS B 111 -0.86 -9.95 11.55
CA LYS B 111 -0.95 -9.51 12.94
C LYS B 111 -2.14 -8.60 13.21
N ILE B 112 -2.45 -7.68 12.29
CA ILE B 112 -3.56 -6.73 12.50
C ILE B 112 -4.90 -7.45 12.47
N LYS B 113 -5.05 -8.45 11.59
CA LYS B 113 -6.25 -9.28 11.51
C LYS B 113 -6.46 -10.13 12.74
N GLU B 114 -5.40 -10.79 13.19
CA GLU B 114 -5.52 -11.61 14.37
C GLU B 114 -5.84 -10.80 15.65
N ALA B 115 -5.41 -9.53 15.71
CA ALA B 115 -5.76 -8.65 16.84
C ALA B 115 -7.18 -8.05 16.79
N GLY B 116 -7.90 -8.26 15.68
CA GLY B 116 -9.22 -7.68 15.48
C GLY B 116 -9.16 -6.17 15.31
N LEU B 117 -8.01 -5.67 14.83
CA LEU B 117 -7.84 -4.32 14.35
C LEU B 117 -8.26 -4.18 12.87
N ILE B 118 -8.57 -5.33 12.24
CA ILE B 118 -9.27 -5.38 10.96
C ILE B 118 -10.81 -5.12 11.12
N ASP B 119 -11.27 -4.91 12.37
CA ASP B 119 -12.51 -4.15 12.70
C ASP B 119 -12.26 -2.90 13.62
CAH 12Q C . -10.60 -8.52 -5.95
NAC 12Q C . -11.48 -9.53 -5.28
CAA 12Q C . -12.39 -10.28 -6.02
CAD 12Q C . -12.55 -10.15 -7.43
CAI 12Q C . -13.47 -10.93 -8.13
CAK 12Q C . -14.27 -11.85 -7.45
CAF 12Q C . -14.16 -12.00 -6.07
CAB 12Q C . -13.24 -11.23 -5.36
CAE 12Q C . -13.13 -11.39 -3.98
CAJ 12Q C . -12.21 -10.61 -3.28
CAG 12Q C . -11.39 -9.68 -3.93
OAL 12Q C . -10.58 -9.02 -3.25
CAH 12Q D . 14.76 0.76 3.13
NAC 12Q D . 15.74 1.43 2.22
CAA 12Q D . 17.07 1.53 2.55
CAD 12Q D . 17.57 1.00 3.76
CAI 12Q D . 18.93 1.12 4.06
CAK 12Q D . 19.80 1.76 3.18
CAF 12Q D . 19.33 2.30 1.98
CAB 12Q D . 17.96 2.18 1.67
CAE 12Q D . 17.51 2.72 0.47
CAJ 12Q D . 16.17 2.61 0.17
CAG 12Q D . 15.30 1.96 1.06
OAL 12Q D . 14.12 1.88 0.75
C1 EDO E . -8.67 -13.94 14.84
O1 EDO E . -9.23 -13.19 13.76
C2 EDO E . -7.94 -15.20 14.35
O2 EDO E . -6.79 -14.88 13.55
#